data_3DB6
#
_entry.id   3DB6
#
_cell.length_a   135.129
_cell.length_b   135.129
_cell.length_c   135.129
_cell.angle_alpha   90.00
_cell.angle_beta   90.00
_cell.angle_gamma   90.00
#
_symmetry.space_group_name_H-M   'I 2 3'
#
loop_
_entity.id
_entity.type
_entity.pdbx_description
1 polymer 'Polo-like kinase 1'
2 non-polymer 1-[5-methyl-2-(trifluoromethyl)furan-3-yl]-3-[(2Z)-5-(2-{[6-(1H-1,2,4-triazol-3-ylamino)pyrimidin-4-yl]amino}ethyl)-1,3-thiazol-2(3H)-ylidene]urea
3 water water
#
_entity_poly.entity_id   1
_entity_poly.type   'polypeptide(L)'
_entity_poly.pdbx_seq_one_letter_code
;GPLGSDPKSAPLKEIPDVLVDPRTMKRYMRGRFLGKGGFAKCYEITDMDTKEVFAGKVVPKSMLLKPHQKEKMSTEIAIH
KSLDNPHVVGFHGFFEDDDFVYVVLEICRRRSLLELHKRRKAVTEPEARYFMRQTIQGVQYLHNNRVIHRDLKLGNLFLN
DDMDVKIGDFGLATKIEFDGERKKDLCGTPNYIAPEVLCKKGHSFEVDIWSLGCILYTLLVGKPPFETSCLKETYIRIKK
NEYSVPRHINPVASALIRRMLHADPTLRPSVAELLTDEFFTSGYAPMRLPTSCLTVPPRFS
;
_entity_poly.pdbx_strand_id   A
#
# COMPACT_ATOMS: atom_id res chain seq x y z
N LYS A 13 31.48 -2.59 1.98
CA LYS A 13 30.51 -1.57 2.48
C LYS A 13 29.69 -2.12 3.64
N GLU A 14 30.22 -1.97 4.86
CA GLU A 14 29.55 -2.43 6.06
C GLU A 14 28.66 -1.32 6.66
N ILE A 15 27.42 -1.67 6.98
CA ILE A 15 26.46 -0.73 7.56
C ILE A 15 26.81 -0.44 9.03
N PRO A 16 27.01 0.85 9.37
CA PRO A 16 27.34 1.29 10.74
C PRO A 16 26.30 0.90 11.78
N ASP A 17 26.76 0.57 12.98
CA ASP A 17 25.89 0.18 14.10
C ASP A 17 25.10 1.37 14.63
N VAL A 18 25.68 2.57 14.50
CA VAL A 18 25.02 3.81 14.92
C VAL A 18 24.78 4.69 13.69
N LEU A 19 23.56 5.18 13.54
CA LEU A 19 23.20 5.99 12.39
C LEU A 19 22.95 7.44 12.77
N VAL A 20 23.96 8.28 12.55
CA VAL A 20 23.86 9.72 12.83
C VAL A 20 23.48 10.48 11.56
N ASP A 21 22.65 11.51 11.72
CA ASP A 21 22.29 12.38 10.61
C ASP A 21 22.90 13.77 10.74
N PRO A 22 23.62 14.24 9.69
CA PRO A 22 24.34 15.51 9.72
C PRO A 22 23.48 16.71 10.13
N ARG A 23 22.21 16.71 9.71
CA ARG A 23 21.29 17.80 10.03
C ARG A 23 20.81 17.78 11.48
N THR A 24 19.81 16.96 11.78
CA THR A 24 19.13 16.97 13.08
C THR A 24 19.98 16.42 14.24
N MET A 25 21.06 15.71 13.89
CA MET A 25 22.03 15.16 14.85
C MET A 25 21.41 14.21 15.88
N LYS A 26 20.59 13.29 15.40
CA LYS A 26 20.03 12.22 16.23
C LYS A 26 20.75 10.91 15.92
N ARG A 27 21.23 10.26 16.97
CA ARG A 27 21.97 9.00 16.85
C ARG A 27 21.02 7.79 16.93
N TYR A 28 20.95 7.04 15.82
CA TYR A 28 20.07 5.87 15.74
C TYR A 28 20.83 4.55 15.86
N MET A 29 20.45 3.74 16.85
CA MET A 29 21.03 2.41 17.01
C MET A 29 20.35 1.44 16.05
N ARG A 30 21.14 0.75 15.25
CA ARG A 30 20.62 -0.25 14.34
C ARG A 30 20.44 -1.59 15.08
N GLY A 31 19.22 -2.08 15.09
CA GLY A 31 18.87 -3.30 15.82
C GLY A 31 18.57 -4.48 14.91
N ARG A 32 17.51 -5.22 15.23
CA ARG A 32 17.19 -6.47 14.52
C ARG A 32 16.74 -6.23 13.08
N PHE A 33 17.24 -7.09 12.20
CA PHE A 33 16.90 -7.10 10.78
C PHE A 33 15.41 -7.39 10.63
N LEU A 34 14.71 -6.53 9.90
CA LEU A 34 13.27 -6.67 9.73
C LEU A 34 12.89 -7.29 8.39
N GLY A 35 13.77 -7.17 7.40
CA GLY A 35 13.50 -7.68 6.06
C GLY A 35 14.19 -6.87 4.98
N LYS A 36 14.10 -7.35 3.75
CA LYS A 36 14.73 -6.69 2.60
C LYS A 36 13.74 -6.49 1.44
N GLY A 37 14.16 -5.77 0.41
CA GLY A 37 13.32 -5.49 -0.74
C GLY A 37 13.99 -4.64 -1.80
N GLY A 38 14.32 -5.28 -2.92
CA GLY A 38 14.96 -4.61 -4.05
C GLY A 38 16.42 -4.31 -3.77
N PHE A 39 16.72 -3.02 -3.63
CA PHE A 39 18.07 -2.58 -3.27
C PHE A 39 18.18 -2.30 -1.77
N ALA A 40 17.04 -2.07 -1.12
CA ALA A 40 17.00 -1.64 0.27
C ALA A 40 16.93 -2.81 1.27
N LYS A 41 17.54 -2.60 2.43
CA LYS A 41 17.51 -3.57 3.52
C LYS A 41 17.07 -2.86 4.79
N CYS A 42 15.93 -3.27 5.32
CA CYS A 42 15.28 -2.59 6.45
C CYS A 42 15.74 -3.12 7.80
N TYR A 43 15.80 -2.23 8.79
CA TYR A 43 16.21 -2.56 10.15
C TYR A 43 15.36 -1.83 11.17
N GLU A 44 15.23 -2.42 12.36
CA GLU A 44 14.61 -1.75 13.50
C GLU A 44 15.62 -0.80 14.13
N ILE A 45 15.38 0.50 13.99
CA ILE A 45 16.30 1.50 14.56
C ILE A 45 15.72 2.23 15.77
N THR A 46 16.54 2.31 16.82
CA THR A 46 16.17 2.98 18.06
C THR A 46 16.92 4.30 18.16
N ASP A 47 16.18 5.38 18.48
CA ASP A 47 16.79 6.67 18.78
C ASP A 47 17.49 6.55 20.14
N MET A 48 18.82 6.69 20.13
CA MET A 48 19.64 6.43 21.32
C MET A 48 19.40 7.42 22.46
N ASP A 49 18.78 8.54 22.13
CA ASP A 49 18.53 9.60 23.11
C ASP A 49 17.17 9.44 23.82
N THR A 50 16.12 9.13 23.05
CA THR A 50 14.76 9.05 23.58
C THR A 50 14.24 7.61 23.75
N LYS A 51 14.86 6.65 23.06
CA LYS A 51 14.45 5.24 23.06
C LYS A 51 13.25 4.95 22.14
N GLU A 52 12.88 5.93 21.31
CA GLU A 52 11.80 5.76 20.34
C GLU A 52 12.24 4.85 19.19
N VAL A 53 11.37 3.94 18.80
CA VAL A 53 11.71 2.90 17.82
C VAL A 53 11.08 3.18 16.45
N PHE A 54 11.88 3.01 15.40
CA PHE A 54 11.45 3.27 14.03
C PHE A 54 11.95 2.17 13.09
N ALA A 55 11.39 2.15 11.88
CA ALA A 55 11.91 1.28 10.82
C ALA A 55 12.86 2.08 9.94
N GLY A 56 14.13 1.69 9.95
CA GLY A 56 15.16 2.38 9.17
C GLY A 56 15.55 1.62 7.93
N LYS A 57 15.30 2.22 6.77
CA LYS A 57 15.71 1.62 5.49
C LYS A 57 17.08 2.11 5.08
N VAL A 58 17.99 1.15 4.85
CA VAL A 58 19.37 1.45 4.48
C VAL A 58 19.59 1.03 3.03
N VAL A 59 19.68 1.99 2.13
CA VAL A 59 19.89 1.70 0.71
C VAL A 59 21.25 2.19 0.20
N PRO A 60 22.08 1.26 -0.32
CA PRO A 60 23.40 1.59 -0.85
C PRO A 60 23.35 2.59 -2.00
N LYS A 61 24.35 3.47 -2.08
CA LYS A 61 24.42 4.50 -3.11
C LYS A 61 24.71 3.95 -4.50
N SER A 62 25.17 2.70 -4.56
CA SER A 62 25.40 2.02 -5.83
C SER A 62 24.09 1.61 -6.52
N MET A 63 22.98 1.70 -5.77
CA MET A 63 21.65 1.42 -6.31
C MET A 63 21.04 2.67 -6.96
N LEU A 64 21.46 3.85 -6.49
CA LEU A 64 20.99 5.13 -7.02
C LEU A 64 22.07 5.83 -7.84
N LEU A 65 22.66 5.10 -8.79
CA LEU A 65 23.73 5.63 -9.63
C LEU A 65 23.19 6.57 -10.72
N LYS A 66 22.13 6.14 -11.40
CA LYS A 66 21.46 6.96 -12.41
C LYS A 66 20.72 8.14 -11.77
N PRO A 67 20.87 9.35 -12.35
CA PRO A 67 20.12 10.53 -11.89
C PRO A 67 18.62 10.35 -12.11
N HIS A 68 18.28 9.40 -12.99
CA HIS A 68 16.90 9.00 -13.23
C HIS A 68 16.32 8.31 -12.00
N GLN A 69 17.13 7.47 -11.36
CA GLN A 69 16.72 6.73 -10.16
C GLN A 69 16.62 7.64 -8.94
N LYS A 70 17.57 8.56 -8.81
CA LYS A 70 17.58 9.54 -7.72
C LYS A 70 16.43 10.54 -7.83
N GLU A 71 15.85 10.63 -9.04
CA GLU A 71 14.69 11.48 -9.29
C GLU A 71 13.41 10.84 -8.75
N LYS A 72 13.29 9.52 -8.93
CA LYS A 72 12.12 8.76 -8.48
C LYS A 72 12.04 8.73 -6.96
N MET A 73 13.21 8.68 -6.32
CA MET A 73 13.32 8.65 -4.87
C MET A 73 13.00 10.00 -4.25
N SER A 74 13.51 11.08 -4.85
CA SER A 74 13.30 12.44 -4.34
C SER A 74 11.87 12.95 -4.57
N THR A 75 11.20 12.42 -5.60
CA THR A 75 9.77 12.67 -5.82
C THR A 75 8.96 11.92 -4.76
N GLU A 76 9.33 10.66 -4.53
CA GLU A 76 8.65 9.80 -3.55
C GLU A 76 8.75 10.37 -2.15
N ILE A 77 9.94 10.83 -1.78
CA ILE A 77 10.18 11.40 -0.45
C ILE A 77 9.29 12.62 -0.21
N ALA A 78 9.23 13.51 -1.20
CA ALA A 78 8.43 14.73 -1.10
C ALA A 78 6.95 14.43 -0.86
N ILE A 79 6.41 13.46 -1.58
CA ILE A 79 5.01 13.05 -1.39
C ILE A 79 4.80 12.40 -0.01
N HIS A 80 5.69 11.50 0.37
CA HIS A 80 5.57 10.77 1.64
C HIS A 80 5.80 11.67 2.86
N LYS A 81 6.75 12.60 2.74
CA LYS A 81 7.11 13.53 3.81
C LYS A 81 5.91 14.36 4.26
N SER A 82 5.07 14.74 3.30
CA SER A 82 3.94 15.65 3.55
C SER A 82 2.73 14.99 4.20
N LEU A 83 2.77 13.67 4.33
CA LEU A 83 1.63 12.89 4.83
C LEU A 83 1.62 12.74 6.35
N ASP A 84 0.43 12.92 6.93
CA ASP A 84 0.22 12.73 8.36
C ASP A 84 -1.21 12.23 8.60
N ASN A 85 -1.34 10.91 8.72
CA ASN A 85 -2.63 10.25 8.89
C ASN A 85 -2.45 8.90 9.56
N PRO A 86 -3.28 8.58 10.57
CA PRO A 86 -3.11 7.33 11.34
C PRO A 86 -3.32 6.04 10.55
N HIS A 87 -3.51 6.14 9.23
CA HIS A 87 -3.64 4.95 8.38
C HIS A 87 -2.63 4.95 7.22
N VAL A 88 -1.65 5.84 7.31
CA VAL A 88 -0.56 5.93 6.36
C VAL A 88 0.77 5.86 7.13
N VAL A 89 1.68 5.01 6.66
CA VAL A 89 3.01 4.85 7.27
C VAL A 89 3.73 6.19 7.35
N GLY A 90 4.12 6.58 8.56
CA GLY A 90 4.84 7.84 8.78
C GLY A 90 6.21 7.90 8.13
N PHE A 91 6.57 9.08 7.66
CA PHE A 91 7.90 9.36 7.13
C PHE A 91 8.58 10.34 8.08
N HIS A 92 9.49 9.85 8.91
CA HIS A 92 10.06 10.64 9.99
C HIS A 92 11.41 11.27 9.67
N GLY A 93 11.72 11.38 8.37
CA GLY A 93 12.94 12.04 7.93
C GLY A 93 13.92 11.14 7.21
N PHE A 94 14.68 11.72 6.31
CA PHE A 94 15.72 11.00 5.57
C PHE A 94 17.07 11.70 5.69
N PHE A 95 18.15 10.93 5.53
CA PHE A 95 19.51 11.44 5.54
C PHE A 95 20.47 10.48 4.87
N GLU A 96 21.74 10.89 4.74
CA GLU A 96 22.72 10.09 4.00
C GLU A 96 24.15 10.29 4.47
N ASP A 97 24.99 9.29 4.22
CA ASP A 97 26.44 9.43 4.31
C ASP A 97 27.07 9.16 2.93
N ASP A 98 28.35 8.80 2.91
CA ASP A 98 29.05 8.57 1.65
C ASP A 98 28.81 7.16 1.08
N ASP A 99 27.93 6.41 1.72
CA ASP A 99 27.66 5.03 1.32
C ASP A 99 26.17 4.68 1.20
N PHE A 100 25.38 5.19 2.14
CA PHE A 100 23.97 4.80 2.25
C PHE A 100 23.01 5.99 2.36
N VAL A 101 21.78 5.79 1.88
CA VAL A 101 20.69 6.74 2.11
C VAL A 101 19.71 6.15 3.12
N TYR A 102 19.62 6.81 4.29
CA TYR A 102 18.83 6.31 5.40
C TYR A 102 17.45 6.98 5.44
N VAL A 103 16.41 6.15 5.53
CA VAL A 103 15.03 6.64 5.62
C VAL A 103 14.38 6.13 6.91
N VAL A 104 13.90 7.04 7.74
CA VAL A 104 13.29 6.70 9.02
C VAL A 104 11.75 6.67 8.89
N LEU A 105 11.17 5.50 9.12
CA LEU A 105 9.73 5.29 8.96
C LEU A 105 9.07 4.73 10.21
N GLU A 106 7.74 4.82 10.26
CA GLU A 106 6.93 4.23 11.34
C GLU A 106 7.12 2.71 11.35
N ILE A 107 7.23 2.15 12.54
CA ILE A 107 7.45 0.70 12.68
C ILE A 107 6.13 -0.06 12.52
N CYS A 108 6.17 -1.11 11.69
CA CYS A 108 5.02 -2.00 11.51
C CYS A 108 5.43 -3.45 11.73
N ARG A 109 5.37 -3.86 13.00
CA ARG A 109 5.92 -5.15 13.43
C ARG A 109 5.15 -6.39 12.99
N ARG A 110 3.95 -6.21 12.43
CA ARG A 110 3.08 -7.33 12.09
C ARG A 110 3.02 -7.65 10.59
N ARG A 111 4.13 -7.41 9.90
CA ARG A 111 4.24 -7.62 8.44
C ARG A 111 3.11 -6.94 7.63
N SER A 112 2.92 -7.37 6.39
CA SER A 112 1.89 -6.79 5.55
C SER A 112 0.67 -7.71 5.47
N LEU A 113 -0.39 -7.20 4.88
CA LEU A 113 -1.62 -7.94 4.68
C LEU A 113 -1.41 -9.13 3.73
N LEU A 114 -0.31 -9.09 2.97
CA LEU A 114 0.06 -10.17 2.06
C LEU A 114 0.40 -11.44 2.84
N GLU A 115 1.20 -11.29 3.90
CA GLU A 115 1.60 -12.42 4.73
C GLU A 115 0.40 -13.01 5.44
N LEU A 116 -0.51 -12.14 5.86
CA LEU A 116 -1.78 -12.57 6.43
C LEU A 116 -2.56 -13.38 5.39
N HIS A 117 -2.65 -12.86 4.17
CA HIS A 117 -3.38 -13.50 3.08
C HIS A 117 -2.85 -14.90 2.74
N LYS A 118 -1.53 -15.04 2.69
CA LYS A 118 -0.90 -16.30 2.33
C LYS A 118 -1.08 -17.37 3.40
N ARG A 119 -1.21 -16.94 4.66
CA ARG A 119 -1.39 -17.84 5.79
C ARG A 119 -2.87 -18.17 5.99
N ARG A 120 -3.74 -17.23 5.64
CA ARG A 120 -5.16 -17.34 5.96
C ARG A 120 -6.03 -17.80 4.79
N LYS A 121 -5.59 -17.45 3.58
CA LYS A 121 -6.44 -17.51 2.39
C LYS A 121 -7.68 -16.62 2.61
N ALA A 122 -8.82 -17.01 2.07
CA ALA A 122 -10.05 -16.25 2.23
C ALA A 122 -10.34 -15.95 3.70
N VAL A 123 -10.43 -14.67 4.02
CA VAL A 123 -10.72 -14.23 5.39
C VAL A 123 -12.23 -14.09 5.59
N THR A 124 -12.66 -14.06 6.85
CA THR A 124 -14.08 -13.91 7.15
C THR A 124 -14.54 -12.51 6.76
N GLU A 125 -15.83 -12.40 6.46
CA GLU A 125 -16.42 -11.16 5.99
C GLU A 125 -16.22 -9.97 6.95
N PRO A 126 -16.40 -10.17 8.26
CA PRO A 126 -16.17 -9.06 9.20
C PRO A 126 -14.73 -8.52 9.17
N GLU A 127 -13.77 -9.41 8.93
CA GLU A 127 -12.36 -9.01 8.83
C GLU A 127 -12.09 -8.13 7.60
N ALA A 128 -12.71 -8.48 6.48
CA ALA A 128 -12.61 -7.72 5.24
C ALA A 128 -13.14 -6.31 5.43
N ARG A 129 -14.29 -6.20 6.10
CA ARG A 129 -14.86 -4.91 6.49
C ARG A 129 -13.87 -4.09 7.31
N TYR A 130 -13.25 -4.71 8.32
CA TYR A 130 -12.24 -4.03 9.14
C TYR A 130 -11.07 -3.55 8.28
N PHE A 131 -10.43 -4.48 7.57
CA PHE A 131 -9.22 -4.17 6.79
C PHE A 131 -9.48 -3.15 5.68
N MET A 132 -10.57 -3.34 4.94
CA MET A 132 -10.93 -2.43 3.86
C MET A 132 -11.30 -1.04 4.37
N ARG A 133 -12.11 -0.99 5.43
CA ARG A 133 -12.52 0.28 6.03
C ARG A 133 -11.33 1.15 6.43
N GLN A 134 -10.35 0.56 7.11
CA GLN A 134 -9.15 1.28 7.51
C GLN A 134 -8.30 1.68 6.31
N THR A 135 -8.24 0.81 5.31
CA THR A 135 -7.49 1.06 4.09
C THR A 135 -8.13 2.20 3.29
N ILE A 136 -9.46 2.18 3.18
CA ILE A 136 -10.19 3.23 2.46
C ILE A 136 -10.02 4.58 3.14
N GLN A 137 -10.14 4.59 4.47
CA GLN A 137 -9.93 5.80 5.27
C GLN A 137 -8.58 6.44 4.96
N GLY A 138 -7.56 5.60 4.78
CA GLY A 138 -6.23 6.06 4.42
C GLY A 138 -6.18 6.58 2.99
N VAL A 139 -6.84 5.86 2.08
CA VAL A 139 -6.89 6.26 0.68
C VAL A 139 -7.68 7.56 0.50
N GLN A 140 -8.73 7.75 1.29
CA GLN A 140 -9.51 8.99 1.25
C GLN A 140 -8.61 10.18 1.59
N TYR A 141 -7.85 10.06 2.67
CA TYR A 141 -6.89 11.08 3.07
C TYR A 141 -5.95 11.43 1.91
N LEU A 142 -5.43 10.41 1.26
CA LEU A 142 -4.52 10.60 0.12
C LEU A 142 -5.21 11.36 -1.00
N HIS A 143 -6.42 10.93 -1.34
CA HIS A 143 -7.19 11.56 -2.42
C HIS A 143 -7.60 13.00 -2.11
N ASN A 144 -8.05 13.24 -0.89
CA ASN A 144 -8.36 14.60 -0.42
C ASN A 144 -7.15 15.54 -0.50
N ASN A 145 -5.96 14.98 -0.33
CA ASN A 145 -4.72 15.72 -0.49
C ASN A 145 -4.16 15.59 -1.91
N ARG A 146 -5.04 15.25 -2.84
CA ARG A 146 -4.70 15.15 -4.27
C ARG A 146 -3.55 14.17 -4.57
N VAL A 147 -3.46 13.10 -3.77
CA VAL A 147 -2.47 12.06 -4.00
C VAL A 147 -3.14 10.78 -4.50
N ILE A 148 -2.62 10.25 -5.60
CA ILE A 148 -2.98 8.94 -6.09
C ILE A 148 -1.83 8.01 -5.74
N HIS A 149 -2.15 6.88 -5.10
CA HIS A 149 -1.12 5.91 -4.71
C HIS A 149 -0.62 5.09 -5.91
N ARG A 150 -1.55 4.71 -6.79
CA ARG A 150 -1.25 4.01 -8.06
C ARG A 150 -0.68 2.59 -7.93
N ASP A 151 -0.22 2.23 -6.74
CA ASP A 151 0.35 0.90 -6.50
C ASP A 151 -0.13 0.30 -5.19
N LEU A 152 -1.44 0.35 -4.96
CA LEU A 152 -2.03 -0.28 -3.78
C LEU A 152 -2.10 -1.78 -3.99
N LYS A 153 -1.63 -2.52 -2.99
CA LYS A 153 -1.58 -3.98 -3.00
C LYS A 153 -1.46 -4.49 -1.57
N LEU A 154 -1.62 -5.79 -1.38
CA LEU A 154 -1.54 -6.38 -0.05
C LEU A 154 -0.20 -6.14 0.65
N GLY A 155 0.88 -6.18 -0.12
CA GLY A 155 2.23 -5.95 0.41
C GLY A 155 2.51 -4.52 0.83
N ASN A 156 1.58 -3.61 0.52
CA ASN A 156 1.71 -2.20 0.88
C ASN A 156 0.74 -1.80 2.00
N LEU A 157 -0.11 -2.74 2.40
CA LEU A 157 -1.02 -2.53 3.51
C LEU A 157 -0.41 -3.15 4.76
N PHE A 158 0.43 -2.37 5.44
CA PHE A 158 1.18 -2.83 6.59
C PHE A 158 0.31 -2.90 7.84
N LEU A 159 0.71 -3.77 8.77
CA LEU A 159 0.00 -3.91 10.03
C LEU A 159 0.98 -3.70 11.17
N ASN A 160 0.55 -2.95 12.18
CA ASN A 160 1.34 -2.75 13.38
C ASN A 160 0.91 -3.75 14.47
N ASP A 161 1.43 -3.56 15.69
CA ASP A 161 1.09 -4.43 16.81
C ASP A 161 -0.40 -4.45 17.14
N ASP A 162 -1.08 -3.34 16.83
CA ASP A 162 -2.51 -3.21 17.11
C ASP A 162 -3.41 -3.69 15.96
N MET A 163 -2.79 -4.35 14.98
CA MET A 163 -3.49 -4.82 13.77
C MET A 163 -4.13 -3.67 12.98
N ASP A 164 -3.52 -2.48 13.07
CA ASP A 164 -3.95 -1.31 12.32
C ASP A 164 -3.31 -1.30 10.94
N VAL A 165 -4.13 -1.13 9.91
CA VAL A 165 -3.65 -0.99 8.55
C VAL A 165 -2.94 0.36 8.39
N LYS A 166 -1.75 0.31 7.82
CA LYS A 166 -0.98 1.50 7.50
C LYS A 166 -0.56 1.34 6.05
N ILE A 167 -1.06 2.22 5.17
CA ILE A 167 -0.67 2.22 3.76
C ILE A 167 0.75 2.77 3.65
N GLY A 168 1.57 2.12 2.82
CA GLY A 168 2.94 2.57 2.58
C GLY A 168 3.37 2.37 1.15
N ASP A 169 4.66 2.56 0.91
CA ASP A 169 5.30 2.33 -0.39
C ASP A 169 4.72 3.23 -1.49
N PHE A 170 5.25 4.44 -1.58
CA PHE A 170 4.74 5.46 -2.50
C PHE A 170 5.61 5.63 -3.74
N GLY A 171 6.31 4.56 -4.11
CA GLY A 171 7.25 4.57 -5.22
C GLY A 171 6.63 4.83 -6.58
N LEU A 172 5.31 4.70 -6.67
CA LEU A 172 4.57 4.97 -7.90
C LEU A 172 3.52 6.07 -7.71
N ALA A 173 3.47 6.64 -6.51
CA ALA A 173 2.49 7.67 -6.19
C ALA A 173 2.78 8.98 -6.93
N THR A 174 1.72 9.73 -7.23
CA THR A 174 1.83 11.02 -7.90
C THR A 174 0.87 12.04 -7.30
N LYS A 175 1.19 13.32 -7.43
CA LYS A 175 0.29 14.38 -7.00
C LYS A 175 -0.33 15.07 -8.20
N ILE A 176 -1.60 15.43 -8.09
CA ILE A 176 -2.25 16.24 -9.12
C ILE A 176 -2.44 17.68 -8.64
N GLU A 177 -2.30 18.63 -9.55
CA GLU A 177 -2.33 20.05 -9.19
C GLU A 177 -3.54 20.83 -9.70
N PHE A 178 -4.21 20.28 -10.71
CA PHE A 178 -5.42 20.93 -11.25
C PHE A 178 -6.57 19.95 -11.52
N ASP A 179 -7.79 20.47 -11.42
CA ASP A 179 -9.01 19.69 -11.67
C ASP A 179 -9.00 18.99 -13.01
N GLY A 180 -9.47 17.76 -13.03
CA GLY A 180 -9.62 16.99 -14.28
C GLY A 180 -8.34 16.50 -14.94
N GLU A 181 -7.20 16.71 -14.29
CA GLU A 181 -5.91 16.26 -14.82
C GLU A 181 -5.88 14.74 -15.00
N ARG A 182 -5.37 14.30 -16.14
CA ARG A 182 -5.25 12.87 -16.43
C ARG A 182 -3.78 12.50 -16.68
N LYS A 183 -3.23 11.65 -15.82
CA LYS A 183 -1.86 11.17 -15.93
C LYS A 183 -1.73 10.15 -17.06
N LYS A 184 -0.62 10.20 -17.78
CA LYS A 184 -0.39 9.30 -18.91
C LYS A 184 0.85 8.43 -18.73
N ASP A 185 1.93 9.05 -18.26
CA ASP A 185 3.20 8.34 -18.07
C ASP A 185 3.29 7.69 -16.69
N LEU A 186 3.54 6.39 -16.68
CA LEU A 186 3.79 5.67 -15.44
C LEU A 186 5.13 4.95 -15.53
N CYS A 187 6.06 5.37 -14.66
CA CYS A 187 7.39 4.77 -14.61
C CYS A 187 7.40 3.64 -13.58
N GLY A 188 7.04 2.44 -14.02
CA GLY A 188 6.97 1.26 -13.15
C GLY A 188 5.70 0.46 -13.34
N THR A 189 5.72 -0.80 -12.89
CA THR A 189 4.58 -1.69 -13.02
C THR A 189 3.91 -1.93 -11.67
N PRO A 190 2.63 -1.50 -11.54
CA PRO A 190 1.82 -1.83 -10.36
C PRO A 190 1.41 -3.31 -10.36
N ASN A 191 0.95 -3.79 -9.21
CA ASN A 191 0.53 -5.19 -9.09
C ASN A 191 -0.83 -5.42 -9.73
N TYR A 192 -1.85 -4.71 -9.25
CA TYR A 192 -3.18 -4.76 -9.85
C TYR A 192 -3.42 -3.47 -10.66
N ILE A 193 -2.93 -3.46 -11.90
CA ILE A 193 -3.05 -2.27 -12.74
C ILE A 193 -4.46 -2.12 -13.30
N ALA A 194 -4.97 -0.88 -13.28
CA ALA A 194 -6.27 -0.55 -13.85
C ALA A 194 -6.20 -0.58 -15.38
N PRO A 195 -7.32 -0.95 -16.04
CA PRO A 195 -7.32 -1.12 -17.50
C PRO A 195 -6.88 0.13 -18.26
N GLU A 196 -7.31 1.30 -17.80
CA GLU A 196 -6.98 2.57 -18.46
C GLU A 196 -5.48 2.85 -18.53
N VAL A 197 -4.72 2.31 -17.57
CA VAL A 197 -3.28 2.47 -17.52
C VAL A 197 -2.57 1.55 -18.52
N LEU A 198 -3.11 0.35 -18.71
CA LEU A 198 -2.56 -0.60 -19.68
C LEU A 198 -2.70 -0.08 -21.10
N CYS A 199 -3.82 0.57 -21.38
CA CYS A 199 -4.14 1.08 -22.70
C CYS A 199 -3.66 2.52 -22.91
N LYS A 200 -2.77 2.99 -22.03
CA LYS A 200 -2.23 4.36 -22.05
C LYS A 200 -3.32 5.43 -22.24
N LYS A 201 -4.55 5.11 -21.84
CA LYS A 201 -5.73 5.95 -22.03
C LYS A 201 -5.72 7.26 -21.23
N GLY A 202 -4.86 7.35 -20.23
CA GLY A 202 -4.83 8.49 -19.33
C GLY A 202 -5.68 8.18 -18.10
N HIS A 203 -5.10 8.42 -16.92
CA HIS A 203 -5.71 7.97 -15.67
C HIS A 203 -5.63 9.00 -14.55
N SER A 204 -6.54 8.86 -13.58
CA SER A 204 -6.57 9.74 -12.40
C SER A 204 -6.81 8.91 -11.13
N PHE A 205 -7.54 9.48 -10.17
CA PHE A 205 -7.79 8.88 -8.86
C PHE A 205 -8.39 7.47 -8.89
N GLU A 206 -9.22 7.21 -9.89
CA GLU A 206 -10.01 5.97 -9.94
C GLU A 206 -9.21 4.66 -10.08
N VAL A 207 -7.91 4.77 -10.38
CA VAL A 207 -7.04 3.59 -10.45
C VAL A 207 -6.81 2.98 -9.05
N ASP A 208 -6.88 3.84 -8.03
CA ASP A 208 -6.76 3.41 -6.63
C ASP A 208 -7.99 2.64 -6.17
N ILE A 209 -9.16 3.02 -6.68
CA ILE A 209 -10.41 2.32 -6.40
C ILE A 209 -10.37 0.93 -7.02
N TRP A 210 -9.86 0.84 -8.24
CA TRP A 210 -9.69 -0.43 -8.94
C TRP A 210 -8.83 -1.39 -8.09
N SER A 211 -7.66 -0.93 -7.67
CA SER A 211 -6.77 -1.72 -6.84
C SER A 211 -7.51 -2.22 -5.61
N LEU A 212 -8.22 -1.32 -4.93
CA LEU A 212 -9.01 -1.66 -3.76
C LEU A 212 -10.05 -2.74 -4.07
N GLY A 213 -10.61 -2.68 -5.29
CA GLY A 213 -11.53 -3.72 -5.78
C GLY A 213 -10.86 -5.08 -5.82
N CYS A 214 -9.63 -5.11 -6.34
CA CYS A 214 -8.82 -6.32 -6.35
C CYS A 214 -8.51 -6.80 -4.95
N ILE A 215 -8.14 -5.85 -4.08
CA ILE A 215 -7.80 -6.14 -2.70
C ILE A 215 -8.97 -6.82 -1.98
N LEU A 216 -10.16 -6.23 -2.06
CA LEU A 216 -11.34 -6.81 -1.41
C LEU A 216 -11.62 -8.21 -1.96
N TYR A 217 -11.59 -8.34 -3.28
CA TYR A 217 -11.78 -9.63 -3.94
C TYR A 217 -10.81 -10.66 -3.35
N THR A 218 -9.52 -10.33 -3.37
CA THR A 218 -8.45 -11.21 -2.89
C THR A 218 -8.67 -11.64 -1.45
N LEU A 219 -9.05 -10.69 -0.58
CA LEU A 219 -9.30 -11.00 0.82
C LEU A 219 -10.48 -11.97 0.98
N LEU A 220 -11.57 -11.70 0.27
CA LEU A 220 -12.80 -12.48 0.42
C LEU A 220 -12.77 -13.83 -0.28
N VAL A 221 -12.12 -13.87 -1.44
CA VAL A 221 -12.09 -15.07 -2.29
C VAL A 221 -10.90 -15.96 -1.97
N GLY A 222 -9.77 -15.33 -1.62
CA GLY A 222 -8.55 -16.07 -1.29
C GLY A 222 -7.52 -16.04 -2.41
N LYS A 223 -7.96 -15.66 -3.61
CA LYS A 223 -7.07 -15.55 -4.76
C LYS A 223 -7.38 -14.31 -5.59
N PRO A 224 -6.34 -13.68 -6.19
CA PRO A 224 -6.49 -12.51 -7.05
C PRO A 224 -7.44 -12.74 -8.24
N PRO A 225 -8.22 -11.71 -8.62
CA PRO A 225 -9.23 -11.86 -9.68
C PRO A 225 -8.66 -12.06 -11.08
N PHE A 226 -7.42 -11.62 -11.31
CA PHE A 226 -6.78 -11.77 -12.60
C PHE A 226 -5.47 -12.56 -12.51
N GLU A 227 -5.41 -13.46 -11.51
CA GLU A 227 -4.26 -14.32 -11.26
C GLU A 227 -4.06 -15.33 -12.38
N THR A 228 -2.86 -15.35 -12.94
CA THR A 228 -2.48 -16.37 -13.93
C THR A 228 -0.99 -16.67 -13.82
N SER A 229 -0.60 -17.87 -14.25
CA SER A 229 0.81 -18.24 -14.36
C SER A 229 1.53 -17.35 -15.38
N CYS A 230 0.85 -17.07 -16.49
CA CYS A 230 1.39 -16.24 -17.56
C CYS A 230 1.02 -14.77 -17.37
N LEU A 231 2.01 -13.89 -17.50
CA LEU A 231 1.82 -12.46 -17.32
C LEU A 231 1.05 -11.82 -18.49
N LYS A 232 1.37 -12.23 -19.71
CA LYS A 232 0.71 -11.71 -20.92
C LYS A 232 -0.80 -11.93 -20.87
N GLU A 233 -1.20 -13.10 -20.37
CA GLU A 233 -2.61 -13.47 -20.20
C GLU A 233 -3.29 -12.58 -19.17
N THR A 234 -2.61 -12.33 -18.05
CA THR A 234 -3.11 -11.47 -16.99
C THR A 234 -3.55 -10.10 -17.50
N TYR A 235 -2.75 -9.50 -18.40
CA TYR A 235 -3.08 -8.17 -18.96
C TYR A 235 -4.30 -8.21 -19.87
N ILE A 236 -4.46 -9.32 -20.60
CA ILE A 236 -5.64 -9.53 -21.46
C ILE A 236 -6.91 -9.56 -20.62
N ARG A 237 -6.87 -10.32 -19.52
CA ARG A 237 -7.98 -10.42 -18.58
C ARG A 237 -8.42 -9.04 -18.08
N ILE A 238 -7.44 -8.21 -17.73
CA ILE A 238 -7.69 -6.85 -17.25
C ILE A 238 -8.33 -5.99 -18.34
N LYS A 239 -7.69 -5.94 -19.51
CA LYS A 239 -8.23 -5.19 -20.65
C LYS A 239 -9.68 -5.57 -20.99
N LYS A 240 -9.94 -6.87 -21.10
CA LYS A 240 -11.27 -7.37 -21.47
C LYS A 240 -12.27 -7.30 -20.31
N ASN A 241 -11.76 -7.04 -19.10
CA ASN A 241 -12.55 -7.04 -17.86
C ASN A 241 -13.10 -8.44 -17.54
N GLU A 242 -12.25 -9.45 -17.68
CA GLU A 242 -12.62 -10.84 -17.48
C GLU A 242 -12.31 -11.34 -16.07
N TYR A 243 -13.38 -11.54 -15.30
CA TYR A 243 -13.29 -12.05 -13.94
C TYR A 243 -14.67 -12.53 -13.50
N SER A 244 -14.71 -13.39 -12.48
CA SER A 244 -15.97 -13.83 -11.91
C SER A 244 -15.86 -13.96 -10.40
N VAL A 245 -16.74 -13.27 -9.69
CA VAL A 245 -16.88 -13.46 -8.25
C VAL A 245 -17.71 -14.71 -8.02
N PRO A 246 -17.12 -15.72 -7.33
CA PRO A 246 -17.82 -16.96 -7.01
C PRO A 246 -19.20 -16.70 -6.40
N ARG A 247 -20.16 -17.53 -6.75
CA ARG A 247 -21.55 -17.36 -6.31
C ARG A 247 -21.70 -17.45 -4.79
N HIS A 248 -20.70 -18.04 -4.13
CA HIS A 248 -20.68 -18.25 -2.68
C HIS A 248 -20.68 -16.94 -1.90
N ILE A 249 -20.01 -15.93 -2.46
CA ILE A 249 -19.86 -14.61 -1.85
C ILE A 249 -21.20 -13.91 -1.66
N ASN A 250 -21.30 -13.14 -0.57
CA ASN A 250 -22.42 -12.25 -0.28
C ASN A 250 -22.76 -11.39 -1.51
N PRO A 251 -24.05 -11.38 -1.92
CA PRO A 251 -24.50 -10.51 -3.00
C PRO A 251 -24.04 -9.06 -2.83
N VAL A 252 -24.12 -8.54 -1.61
CA VAL A 252 -23.76 -7.16 -1.29
C VAL A 252 -22.27 -6.89 -1.53
N ALA A 253 -21.43 -7.84 -1.14
CA ALA A 253 -19.98 -7.75 -1.34
C ALA A 253 -19.62 -7.89 -2.82
N SER A 254 -20.24 -8.84 -3.49
CA SER A 254 -20.04 -9.04 -4.92
C SER A 254 -20.52 -7.85 -5.75
N ALA A 255 -21.60 -7.20 -5.29
CA ALA A 255 -22.09 -5.97 -5.91
C ALA A 255 -21.03 -4.89 -5.86
N LEU A 256 -20.50 -4.66 -4.66
CA LEU A 256 -19.46 -3.64 -4.43
C LEU A 256 -18.23 -3.89 -5.30
N ILE A 257 -17.74 -5.13 -5.31
CA ILE A 257 -16.57 -5.52 -6.11
C ILE A 257 -16.78 -5.19 -7.60
N ARG A 258 -17.95 -5.56 -8.12
CA ARG A 258 -18.27 -5.34 -9.54
C ARG A 258 -18.28 -3.86 -9.92
N ARG A 259 -18.73 -3.02 -8.99
CA ARG A 259 -18.70 -1.58 -9.19
C ARG A 259 -17.27 -1.06 -9.07
N MET A 260 -16.54 -1.55 -8.07
CA MET A 260 -15.15 -1.15 -7.85
C MET A 260 -14.25 -1.53 -9.01
N LEU A 261 -14.62 -2.60 -9.70
CA LEU A 261 -13.87 -3.09 -10.87
C LEU A 261 -14.61 -2.81 -12.17
N HIS A 262 -15.28 -1.67 -12.24
CA HIS A 262 -15.95 -1.27 -13.48
C HIS A 262 -14.94 -0.86 -14.54
N ALA A 263 -15.17 -1.33 -15.77
CA ALA A 263 -14.30 -1.02 -16.90
C ALA A 263 -14.23 0.49 -17.14
N ASP A 264 -15.36 1.17 -16.97
CA ASP A 264 -15.43 2.61 -17.04
C ASP A 264 -14.97 3.20 -15.71
N PRO A 265 -13.83 3.92 -15.71
CA PRO A 265 -13.28 4.53 -14.50
C PRO A 265 -14.23 5.52 -13.81
N THR A 266 -15.13 6.13 -14.57
CA THR A 266 -16.06 7.13 -14.05
C THR A 266 -17.31 6.51 -13.43
N LEU A 267 -17.53 5.23 -13.70
CA LEU A 267 -18.66 4.50 -13.12
C LEU A 267 -18.25 3.77 -11.84
N ARG A 268 -16.94 3.77 -11.56
CA ARG A 268 -16.42 3.26 -10.30
C ARG A 268 -16.84 4.21 -9.17
N PRO A 269 -17.07 3.67 -7.95
CA PRO A 269 -17.36 4.55 -6.83
C PRO A 269 -16.19 5.48 -6.50
N SER A 270 -16.50 6.62 -5.88
CA SER A 270 -15.48 7.48 -5.32
C SER A 270 -15.11 6.96 -3.93
N VAL A 271 -14.00 7.46 -3.39
CA VAL A 271 -13.53 7.02 -2.07
C VAL A 271 -14.59 7.27 -0.99
N ALA A 272 -15.20 8.46 -1.03
CA ALA A 272 -16.24 8.84 -0.06
C ALA A 272 -17.43 7.89 -0.11
N GLU A 273 -17.75 7.42 -1.32
CA GLU A 273 -18.90 6.55 -1.54
C GLU A 273 -18.71 5.13 -1.02
N LEU A 274 -17.46 4.70 -0.90
CA LEU A 274 -17.14 3.35 -0.42
C LEU A 274 -17.54 3.15 1.05
N LEU A 275 -17.22 4.11 1.90
CA LEU A 275 -17.47 4.01 3.34
C LEU A 275 -18.95 3.81 3.68
N THR A 276 -19.82 4.46 2.90
CA THR A 276 -21.25 4.43 3.14
C THR A 276 -21.96 3.29 2.41
N ASP A 277 -21.18 2.39 1.80
CA ASP A 277 -21.74 1.27 1.06
C ASP A 277 -22.40 0.27 1.99
N GLU A 278 -23.42 -0.41 1.46
CA GLU A 278 -24.17 -1.42 2.21
C GLU A 278 -23.28 -2.48 2.82
N PHE A 279 -22.16 -2.77 2.15
CA PHE A 279 -21.19 -3.74 2.63
C PHE A 279 -20.62 -3.40 4.01
N PHE A 280 -20.47 -2.11 4.29
CA PHE A 280 -19.92 -1.66 5.56
C PHE A 280 -20.98 -1.38 6.62
N THR A 281 -22.23 -1.18 6.18
CA THR A 281 -23.30 -0.70 7.04
C THR A 281 -24.25 -1.79 7.54
N SER A 282 -24.34 -2.90 6.81
CA SER A 282 -25.31 -3.95 7.16
C SER A 282 -24.72 -5.00 8.10
N GLY A 283 -23.70 -5.71 7.63
CA GLY A 283 -23.12 -6.82 8.40
C GLY A 283 -22.27 -6.39 9.58
N TYR A 284 -21.82 -7.37 10.36
CA TYR A 284 -21.01 -7.12 11.54
C TYR A 284 -19.63 -6.58 11.16
N ALA A 285 -19.28 -5.44 11.75
CA ALA A 285 -18.00 -4.80 11.51
C ALA A 285 -17.29 -4.53 12.82
N PRO A 286 -16.29 -5.37 13.16
CA PRO A 286 -15.54 -5.19 14.40
C PRO A 286 -14.64 -3.97 14.34
N MET A 287 -14.41 -3.35 15.49
CA MET A 287 -13.56 -2.16 15.59
C MET A 287 -12.11 -2.52 15.90
N ARG A 288 -11.92 -3.66 16.58
CA ARG A 288 -10.59 -4.18 16.86
C ARG A 288 -10.43 -5.60 16.32
N LEU A 289 -9.20 -5.96 15.98
CA LEU A 289 -8.87 -7.33 15.62
C LEU A 289 -7.66 -7.81 16.40
N PRO A 290 -7.72 -9.04 16.94
CA PRO A 290 -6.59 -9.63 17.66
C PRO A 290 -5.47 -10.04 16.71
N THR A 291 -4.26 -10.13 17.24
CA THR A 291 -3.09 -10.52 16.44
C THR A 291 -3.18 -11.98 15.97
N SER A 292 -4.14 -12.71 16.53
CA SER A 292 -4.43 -14.10 16.13
C SER A 292 -4.92 -14.20 14.68
N CYS A 293 -5.47 -13.10 14.17
CA CYS A 293 -5.96 -13.02 12.79
C CYS A 293 -4.86 -13.24 11.75
N LEU A 294 -3.61 -13.05 12.16
CA LEU A 294 -2.46 -13.32 11.30
C LEU A 294 -2.39 -14.80 10.90
N THR A 295 -2.88 -15.68 11.78
CA THR A 295 -2.74 -17.12 11.59
C THR A 295 -4.08 -17.87 11.49
N VAL A 296 -5.03 -17.52 12.34
CA VAL A 296 -6.33 -18.22 12.38
C VAL A 296 -7.52 -17.26 12.36
N PRO A 297 -8.68 -17.71 11.84
CA PRO A 297 -9.89 -16.88 11.88
C PRO A 297 -10.35 -16.59 13.31
N PRO A 298 -10.88 -15.37 13.55
CA PRO A 298 -11.34 -14.97 14.88
C PRO A 298 -12.58 -15.73 15.34
N ARG A 299 -12.49 -16.31 16.54
CA ARG A 299 -13.59 -17.07 17.13
C ARG A 299 -14.62 -16.14 17.76
#